data_9DP1
#
_entry.id   9DP1
#
_cell.length_a   43.943
_cell.length_b   60.498
_cell.length_c   73.075
_cell.angle_alpha   81.81
_cell.angle_beta   75.60
_cell.angle_gamma   88.73
#
_symmetry.space_group_name_H-M   'P 1'
#
loop_
_entity.id
_entity.type
_entity.pdbx_description
1 polymer 'DNA repair nuclease/redox regulator APEX1, mitochondrial'
2 polymer "DNA (5'-D(P*GP*CP*TP*GP*AP*TP*GP*CP*GP*CP*(3DR)P*CP*GP*AP*CP*GP*GP*AP*TP*CP*C)-3')"
3 polymer "DNA (5'-D(*GP*GP*AP*TP*CP*CP*GP*TP*CP*GP*GP*GP*CP*GP*CP*AP*TP*CP*AP*GP*C)-3')"
4 water water
#
loop_
_entity_poly.entity_id
_entity_poly.type
_entity_poly.pdbx_seq_one_letter_code
_entity_poly.pdbx_strand_id
1 'polypeptide(L)'
;ALYEDPPDQKTSPSGKPATLKICSWNVDGLRAWIKKKGLDWVKEEAPDILCLQETKCSENKLPAELQELPGLSHQYWSAP
SDKEGYSGVGLLSRQAPLKVSYGIGDEEHDQEGRVIVAEFDSFVLVTAYVPAAGRGLVRLEYRQRWDEAFRKFLKGLASR
KPLVLCGDLNVAHEEIDLRNPKGNKKNAGFTPQERQGFGELLQAVPLADSFRHLYPNTPYAYTFWTYMMNARSKNVGWRL
DYFLLSHSLLPALCDSKIRSKALGSDHCPITLYLAL
;
A,B
2 'polydeoxyribonucleotide'
;(DG)(DC)(DT)(DG)(DA)(DT)(DG)(DC)(DG)(DC)(3DR)(DC)(DG)(DA)(DC)(DG)(DG)(DA)(DT)
(DC)(DC)
;
D
3 'polydeoxyribonucleotide'
;(DG)(DG)(DA)(DT)(DC)(DC)(DG)(DT)(DC)(DG)(DG)(DG)(DC)(DG)(DC)(DA)(DT)(DC)(DA)(DG)
(DC)
;
E
#
# COMPACT_ATOMS: atom_id res chain seq x y z
N ALA A 1 -9.14 -25.43 -33.53
CA ALA A 1 -10.10 -26.26 -32.81
C ALA A 1 -10.60 -25.56 -31.54
N LEU A 2 -11.85 -25.84 -31.18
CA LEU A 2 -12.45 -25.27 -29.96
C LEU A 2 -11.99 -26.06 -28.75
N TYR A 3 -12.02 -25.41 -27.60
CA TYR A 3 -11.59 -26.06 -26.35
C TYR A 3 -12.76 -26.16 -25.39
N GLU A 4 -12.94 -27.33 -24.80
CA GLU A 4 -13.96 -27.48 -23.74
C GLU A 4 -13.19 -27.87 -22.49
N ASP A 5 -13.26 -27.04 -21.47
CA ASP A 5 -12.48 -27.30 -20.23
C ASP A 5 -13.01 -28.55 -19.51
N PRO A 6 -12.19 -29.53 -19.06
CA PRO A 6 -12.69 -30.64 -18.29
C PRO A 6 -13.47 -30.17 -17.05
N PRO A 7 -14.34 -31.02 -16.46
CA PRO A 7 -15.04 -30.63 -15.24
C PRO A 7 -14.16 -30.43 -14.01
N ASP A 8 -14.67 -29.70 -13.02
CA ASP A 8 -13.90 -29.36 -11.79
C ASP A 8 -13.55 -30.59 -10.94
N GLN A 9 -12.26 -30.83 -10.70
CA GLN A 9 -11.85 -31.93 -9.81
C GLN A 9 -11.60 -31.31 -8.44
N LYS A 10 -12.40 -31.69 -7.45
CA LYS A 10 -12.34 -31.04 -6.13
C LYS A 10 -11.78 -32.01 -5.10
N THR A 11 -11.07 -33.03 -5.55
CA THR A 11 -10.39 -33.95 -4.61
C THR A 11 -8.92 -34.08 -5.02
N SER A 12 -8.02 -34.02 -4.05
CA SER A 12 -6.56 -34.15 -4.32
C SER A 12 -6.19 -35.62 -4.52
N PRO A 13 -5.11 -35.94 -5.25
CA PRO A 13 -4.65 -37.34 -5.35
C PRO A 13 -4.49 -38.08 -4.01
N SER A 14 -4.23 -37.36 -2.91
CA SER A 14 -4.08 -37.97 -1.56
C SER A 14 -5.43 -38.14 -0.87
N GLY A 15 -6.52 -37.73 -1.52
CA GLY A 15 -7.86 -37.97 -0.97
C GLY A 15 -8.41 -36.77 -0.22
N LYS A 16 -7.67 -35.68 -0.16
CA LYS A 16 -8.12 -34.52 0.63
C LYS A 16 -9.10 -33.68 -0.20
N PRO A 17 -10.27 -33.32 0.34
CA PRO A 17 -11.21 -32.42 -0.35
C PRO A 17 -10.70 -30.98 -0.53
N ALA A 18 -11.05 -30.33 -1.63
CA ALA A 18 -10.69 -28.91 -1.82
C ALA A 18 -11.28 -28.02 -0.73
N THR A 19 -10.52 -27.03 -0.29
CA THR A 19 -10.96 -26.08 0.76
C THR A 19 -10.70 -24.66 0.26
N LEU A 20 -9.94 -24.51 -0.82
CA LEU A 20 -9.56 -23.15 -1.30
C LEU A 20 -9.74 -22.99 -2.80
N LYS A 21 -10.52 -21.99 -3.19
CA LYS A 21 -10.75 -21.67 -4.61
C LYS A 21 -10.17 -20.29 -4.90
N ILE A 22 -9.20 -20.25 -5.81
CA ILE A 22 -8.57 -18.97 -6.19
C ILE A 22 -8.95 -18.66 -7.63
N CYS A 23 -9.44 -17.46 -7.89
CA CYS A 23 -9.71 -17.04 -9.27
C CYS A 23 -8.76 -15.92 -9.70
N SER A 24 -8.17 -16.07 -10.87
CA SER A 24 -7.27 -15.03 -11.44
C SER A 24 -7.82 -14.56 -12.78
N TRP A 25 -7.75 -13.27 -13.02
CA TRP A 25 -8.36 -12.71 -14.24
C TRP A 25 -7.74 -11.38 -14.64
N ASN A 26 -7.11 -11.34 -15.80
CA ASN A 26 -6.69 -10.05 -16.39
C ASN A 26 -7.99 -9.47 -16.93
N VAL A 27 -8.46 -8.41 -16.32
CA VAL A 27 -9.80 -7.84 -16.66
C VAL A 27 -9.68 -6.81 -17.78
N ASP A 28 -8.49 -6.41 -18.17
CA ASP A 28 -8.28 -5.47 -19.30
C ASP A 28 -9.17 -4.24 -19.15
N GLY A 29 -9.05 -3.55 -18.02
CA GLY A 29 -9.92 -2.41 -17.74
C GLY A 29 -11.00 -2.82 -16.77
N LEU A 30 -10.75 -2.66 -15.48
CA LEU A 30 -11.70 -3.05 -14.43
C LEU A 30 -13.04 -2.34 -14.63
N ARG A 31 -13.02 -1.05 -14.95
CA ARG A 31 -14.28 -0.30 -15.10
C ARG A 31 -15.09 -0.88 -16.26
N ALA A 32 -14.44 -1.15 -17.39
CA ALA A 32 -15.12 -1.76 -18.56
C ALA A 32 -15.56 -3.18 -18.23
N TRP A 33 -14.67 -3.96 -17.62
CA TRP A 33 -15.00 -5.35 -17.20
C TRP A 33 -16.28 -5.40 -16.37
N ILE A 34 -16.45 -4.45 -15.44
CA ILE A 34 -17.68 -4.37 -14.60
C ILE A 34 -18.90 -4.03 -15.45
N LYS A 35 -18.81 -3.07 -16.36
CA LYS A 35 -19.93 -2.75 -17.27
C LYS A 35 -20.28 -3.98 -18.13
N LYS A 36 -19.28 -4.84 -18.39
CA LYS A 36 -19.52 -6.08 -19.18
C LYS A 36 -19.94 -7.21 -18.22
N LYS A 37 -20.39 -6.89 -17.01
CA LYS A 37 -20.96 -7.91 -16.07
C LYS A 37 -19.93 -8.94 -15.60
N GLY A 38 -18.69 -8.53 -15.38
CA GLY A 38 -17.64 -9.50 -15.00
C GLY A 38 -17.77 -9.90 -13.54
N LEU A 39 -18.19 -8.97 -12.67
CA LEU A 39 -18.38 -9.25 -11.23
C LEU A 39 -19.46 -10.33 -11.05
N ASP A 40 -20.49 -10.29 -11.89
CA ASP A 40 -21.58 -11.29 -11.83
C ASP A 40 -20.99 -12.68 -12.07
N TRP A 41 -20.05 -12.81 -12.99
CA TRP A 41 -19.38 -14.13 -13.14
C TRP A 41 -18.61 -14.50 -11.88
N VAL A 42 -17.92 -13.56 -11.26
CA VAL A 42 -17.13 -13.83 -10.01
C VAL A 42 -18.08 -14.36 -8.93
N LYS A 43 -19.22 -13.72 -8.74
CA LYS A 43 -20.23 -14.21 -7.76
C LYS A 43 -20.65 -15.65 -8.09
N GLU A 44 -20.91 -15.98 -9.34
CA GLU A 44 -21.20 -17.38 -9.69
C GLU A 44 -20.01 -18.29 -9.36
N GLU A 45 -18.78 -17.82 -9.58
CA GLU A 45 -17.58 -18.66 -9.35
C GLU A 45 -17.36 -18.87 -7.86
N ALA A 46 -17.78 -17.90 -7.08
CA ALA A 46 -17.61 -17.97 -5.62
C ALA A 46 -16.16 -18.27 -5.19
N PRO A 47 -15.11 -17.50 -5.62
CA PRO A 47 -13.77 -17.75 -5.13
C PRO A 47 -13.51 -17.23 -3.71
N ASP A 48 -12.65 -17.93 -2.99
CA ASP A 48 -12.24 -17.44 -1.66
C ASP A 48 -11.27 -16.29 -1.91
N ILE A 49 -10.48 -16.37 -2.97
CA ILE A 49 -9.48 -15.32 -3.31
C ILE A 49 -9.62 -14.90 -4.79
N LEU A 50 -9.75 -13.61 -5.04
CA LEU A 50 -9.83 -13.09 -6.41
C LEU A 50 -8.61 -12.21 -6.72
N CYS A 51 -7.85 -12.60 -7.72
CA CYS A 51 -6.67 -11.82 -8.14
C CYS A 51 -6.96 -11.21 -9.52
N LEU A 52 -6.87 -9.89 -9.60
CA LEU A 52 -7.18 -9.19 -10.86
C LEU A 52 -5.94 -8.51 -11.43
N GLN A 53 -5.77 -8.56 -12.74
CA GLN A 53 -4.62 -7.89 -13.40
C GLN A 53 -5.13 -6.90 -14.46
N GLU A 54 -4.26 -5.97 -14.90
CA GLU A 54 -4.64 -4.91 -15.89
C GLU A 54 -5.94 -4.24 -15.44
N THR A 55 -5.97 -3.70 -14.23
CA THR A 55 -7.15 -2.99 -13.71
C THR A 55 -7.30 -1.65 -14.43
N LYS A 56 -6.19 -0.98 -14.70
CA LYS A 56 -6.19 0.34 -15.38
C LYS A 56 -7.14 1.27 -14.62
N CYS A 57 -7.12 1.19 -13.28
CA CYS A 57 -8.04 1.97 -12.43
C CYS A 57 -7.40 2.22 -11.06
N SER A 58 -7.37 3.48 -10.62
CA SER A 58 -6.86 3.80 -9.27
C SER A 58 -7.93 3.38 -8.25
N GLU A 59 -7.55 3.28 -6.98
CA GLU A 59 -8.52 2.77 -5.98
C GLU A 59 -9.67 3.79 -5.84
N ASN A 60 -9.34 5.08 -5.82
CA ASN A 60 -10.37 6.14 -5.60
C ASN A 60 -11.38 6.12 -6.76
N LYS A 61 -11.13 5.31 -7.80
CA LYS A 61 -12.03 5.30 -8.97
C LYS A 61 -12.72 3.94 -9.09
N LEU A 62 -12.52 3.06 -8.11
CA LEU A 62 -13.11 1.68 -8.17
C LEU A 62 -14.65 1.79 -8.10
N PRO A 63 -15.48 1.15 -8.97
CA PRO A 63 -16.93 1.15 -8.77
C PRO A 63 -17.32 0.61 -7.39
N ALA A 64 -18.43 1.09 -6.84
CA ALA A 64 -18.82 0.71 -5.47
C ALA A 64 -19.31 -0.75 -5.39
N GLU A 65 -19.49 -1.40 -6.52
CA GLU A 65 -19.91 -2.83 -6.55
C GLU A 65 -18.79 -3.72 -6.02
N LEU A 66 -17.54 -3.32 -6.16
CA LEU A 66 -16.39 -4.10 -5.59
C LEU A 66 -16.45 -4.06 -4.06
N GLN A 67 -16.91 -2.95 -3.49
CA GLN A 67 -17.03 -2.82 -2.03
C GLN A 67 -18.37 -3.40 -1.58
N GLU A 68 -19.13 -4.00 -2.49
CA GLU A 68 -20.40 -4.70 -2.11
C GLU A 68 -20.20 -6.18 -2.37
N LEU A 69 -19.04 -6.70 -2.00
CA LEU A 69 -18.73 -8.13 -2.21
C LEU A 69 -18.52 -8.75 -0.83
N PRO A 70 -19.57 -9.28 -0.13
CA PRO A 70 -19.40 -9.76 1.24
C PRO A 70 -18.46 -10.95 1.41
N GLY A 71 -18.27 -11.75 0.36
CA GLY A 71 -17.32 -12.87 0.44
C GLY A 71 -15.91 -12.53 0.02
N LEU A 72 -15.65 -11.30 -0.41
CA LEU A 72 -14.31 -10.85 -0.86
C LEU A 72 -14.12 -9.46 -0.26
N SER A 73 -14.18 -9.34 1.06
CA SER A 73 -14.16 -8.02 1.73
C SER A 73 -12.75 -7.48 1.98
N HIS A 74 -11.75 -8.34 2.08
CA HIS A 74 -10.35 -7.94 2.31
C HIS A 74 -9.73 -7.60 0.95
N GLN A 75 -9.72 -6.32 0.59
CA GLN A 75 -9.30 -5.91 -0.76
C GLN A 75 -8.01 -5.11 -0.74
N TYR A 76 -7.06 -5.48 -1.60
CA TYR A 76 -5.74 -4.84 -1.67
C TYR A 76 -5.56 -4.41 -3.12
N TRP A 77 -5.28 -3.14 -3.32
CA TRP A 77 -5.24 -2.60 -4.70
C TRP A 77 -3.96 -1.82 -4.92
N SER A 78 -3.40 -1.92 -6.12
CA SER A 78 -2.21 -1.13 -6.45
C SER A 78 -2.63 0.02 -7.36
N ALA A 79 -1.89 0.28 -8.44
CA ALA A 79 -2.19 1.34 -9.44
C ALA A 79 -0.93 1.48 -10.28
N GLY A 85 -3.92 3.96 -16.87
CA GLY A 85 -4.40 3.06 -17.93
C GLY A 85 -3.29 2.18 -18.47
N TYR A 86 -2.29 1.87 -17.64
CA TYR A 86 -1.18 0.98 -18.06
C TYR A 86 -1.25 -0.40 -17.38
N SER A 87 -1.28 -0.41 -16.06
CA SER A 87 -1.21 -1.70 -15.34
C SER A 87 -2.29 -1.77 -14.26
N GLY A 88 -1.90 -2.08 -13.04
CA GLY A 88 -2.85 -2.19 -11.94
C GLY A 88 -3.19 -3.62 -11.60
N VAL A 89 -3.07 -3.96 -10.33
CA VAL A 89 -3.39 -5.34 -9.85
C VAL A 89 -4.25 -5.25 -8.59
N GLY A 90 -4.96 -6.32 -8.29
CA GLY A 90 -5.84 -6.33 -7.12
C GLY A 90 -5.94 -7.70 -6.49
N LEU A 91 -6.11 -7.74 -5.18
CA LEU A 91 -6.25 -9.01 -4.43
C LEU A 91 -7.44 -8.88 -3.51
N LEU A 92 -8.44 -9.73 -3.69
CA LEU A 92 -9.68 -9.68 -2.90
C LEU A 92 -9.79 -11.02 -2.18
N SER A 93 -10.03 -11.01 -0.87
CA SER A 93 -10.01 -12.29 -0.12
C SER A 93 -11.14 -12.37 0.89
N ARG A 94 -11.67 -13.58 1.07
CA ARG A 94 -12.72 -13.83 2.07
C ARG A 94 -12.11 -13.63 3.45
N GLN A 95 -10.92 -14.16 3.64
CA GLN A 95 -10.25 -14.05 4.94
C GLN A 95 -9.12 -13.05 4.81
N ALA A 96 -8.85 -12.31 5.88
CA ALA A 96 -7.71 -11.38 5.88
C ALA A 96 -6.40 -12.14 5.86
N PRO A 97 -5.48 -11.79 4.96
CA PRO A 97 -4.14 -12.36 5.01
C PRO A 97 -3.38 -11.81 6.22
N LEU A 98 -2.36 -12.54 6.67
CA LEU A 98 -1.52 -12.11 7.80
C LEU A 98 -0.71 -10.89 7.38
N LYS A 99 -0.10 -10.94 6.19
CA LYS A 99 0.76 -9.83 5.70
C LYS A 99 0.46 -9.53 4.23
N VAL A 100 0.44 -8.26 3.84
CA VAL A 100 0.29 -7.86 2.41
C VAL A 100 1.41 -6.89 2.06
N SER A 101 2.10 -7.11 0.94
CA SER A 101 3.14 -6.17 0.44
C SER A 101 2.92 -5.92 -1.05
N TYR A 102 3.56 -4.90 -1.60
CA TYR A 102 3.38 -4.51 -3.01
C TYR A 102 4.75 -4.40 -3.66
N GLY A 103 4.92 -5.00 -4.82
CA GLY A 103 6.19 -4.89 -5.54
C GLY A 103 7.09 -6.08 -5.34
N ILE A 104 8.26 -6.05 -5.98
CA ILE A 104 9.21 -7.19 -5.91
C ILE A 104 10.51 -6.70 -5.26
N GLY A 105 10.43 -5.63 -4.48
CA GLY A 105 11.61 -5.16 -3.74
C GLY A 105 12.48 -4.22 -4.54
N GLU A 112 5.08 -1.51 -7.24
CA GLU A 112 3.77 -1.48 -6.56
C GLU A 112 2.66 -1.96 -7.51
N GLY A 113 2.57 -1.44 -8.74
CA GLY A 113 1.45 -1.71 -9.67
C GLY A 113 1.39 -3.06 -10.38
N ARG A 114 2.36 -3.94 -10.21
CA ARG A 114 2.34 -5.20 -10.99
C ARG A 114 2.32 -6.40 -10.06
N VAL A 115 2.61 -6.21 -8.77
CA VAL A 115 2.76 -7.38 -7.87
C VAL A 115 2.12 -7.17 -6.50
N ILE A 116 1.31 -8.12 -6.04
CA ILE A 116 0.77 -8.09 -4.66
C ILE A 116 1.15 -9.41 -4.00
N VAL A 117 1.77 -9.31 -2.83
CA VAL A 117 2.16 -10.51 -2.06
C VAL A 117 1.26 -10.61 -0.85
N ALA A 118 0.52 -11.69 -0.76
CA ALA A 118 -0.35 -11.87 0.41
C ALA A 118 -0.02 -13.18 1.11
N GLU A 119 0.36 -13.07 2.37
CA GLU A 119 0.77 -14.26 3.14
C GLU A 119 -0.42 -14.80 3.92
N PHE A 120 -0.76 -16.06 3.71
CA PHE A 120 -1.84 -16.70 4.49
C PHE A 120 -1.19 -17.68 5.46
N ASP A 121 -1.98 -18.46 6.20
CA ASP A 121 -1.46 -19.38 7.24
C ASP A 121 -0.56 -20.46 6.64
N SER A 122 -1.02 -21.12 5.60
CA SER A 122 -0.27 -22.27 5.03
C SER A 122 0.41 -21.93 3.70
N PHE A 123 0.25 -20.70 3.19
CA PHE A 123 0.79 -20.37 1.85
C PHE A 123 0.99 -18.87 1.63
N VAL A 124 1.87 -18.55 0.69
CA VAL A 124 2.09 -17.13 0.31
C VAL A 124 1.58 -17.02 -1.12
N LEU A 125 0.65 -16.10 -1.35
CA LEU A 125 0.12 -15.87 -2.70
C LEU A 125 0.75 -14.64 -3.32
N VAL A 126 1.23 -14.80 -4.55
CA VAL A 126 1.75 -13.65 -5.32
C VAL A 126 0.88 -13.53 -6.56
N THR A 127 0.37 -12.34 -6.81
CA THR A 127 -0.35 -12.07 -8.07
C THR A 127 0.56 -11.15 -8.87
N ALA A 128 0.65 -11.37 -10.18
CA ALA A 128 1.57 -10.60 -11.02
C ALA A 128 0.99 -10.19 -12.37
N TYR A 129 1.20 -8.94 -12.75
CA TYR A 129 0.89 -8.51 -14.13
C TYR A 129 2.27 -8.30 -14.74
N VAL A 130 2.83 -9.34 -15.33
CA VAL A 130 4.23 -9.26 -15.86
C VAL A 130 4.27 -8.28 -17.04
N PRO A 131 5.23 -7.34 -17.10
CA PRO A 131 5.34 -6.40 -18.22
C PRO A 131 5.47 -7.07 -19.59
N ALA A 132 4.68 -6.59 -20.56
CA ALA A 132 4.71 -7.16 -21.92
C ALA A 132 6.02 -6.77 -22.62
N ALA A 133 6.54 -7.65 -23.45
CA ALA A 133 7.80 -7.40 -24.18
C ALA A 133 7.56 -6.28 -25.19
N GLY A 134 6.31 -6.06 -25.57
CA GLY A 134 6.00 -4.94 -26.47
C GLY A 134 5.91 -5.33 -27.94
N ARG A 135 5.22 -4.52 -28.72
CA ARG A 135 5.15 -4.72 -30.19
C ARG A 135 6.52 -4.35 -30.75
N GLY A 136 7.07 -5.19 -31.63
CA GLY A 136 8.44 -4.96 -32.13
C GLY A 136 9.46 -5.28 -31.07
N LEU A 137 9.02 -5.86 -29.95
CA LEU A 137 9.91 -6.27 -28.83
C LEU A 137 10.71 -5.09 -28.29
N VAL A 138 10.10 -3.91 -28.22
CA VAL A 138 10.82 -2.68 -27.77
C VAL A 138 11.15 -2.75 -26.29
N ARG A 139 10.37 -3.49 -25.50
CA ARG A 139 10.56 -3.60 -24.03
C ARG A 139 10.98 -5.03 -23.65
N LEU A 140 11.48 -5.82 -24.60
CA LEU A 140 11.94 -7.21 -24.33
C LEU A 140 13.09 -7.25 -23.31
N GLU A 141 14.09 -6.39 -23.45
CA GLU A 141 15.26 -6.39 -22.55
C GLU A 141 14.83 -6.05 -21.12
N TYR A 142 13.95 -5.07 -20.94
CA TYR A 142 13.42 -4.73 -19.60
C TYR A 142 12.67 -5.94 -19.02
N ARG A 143 11.89 -6.62 -19.86
CA ARG A 143 11.17 -7.85 -19.42
C ARG A 143 12.17 -8.88 -18.92
N GLN A 144 13.30 -9.03 -19.59
CA GLN A 144 14.30 -10.04 -19.20
C GLN A 144 14.92 -9.65 -17.86
N ARG A 145 15.17 -8.37 -17.65
CA ARG A 145 15.69 -7.88 -16.35
C ARG A 145 14.58 -8.00 -15.30
N TRP A 146 13.35 -7.69 -15.68
CA TRP A 146 12.20 -7.86 -14.78
C TRP A 146 12.09 -9.34 -14.43
N ASP A 147 12.09 -10.20 -15.44
CA ASP A 147 12.01 -11.62 -15.15
C ASP A 147 13.06 -12.04 -14.12
N GLU A 148 14.29 -11.56 -14.29
CA GLU A 148 15.37 -11.95 -13.38
C GLU A 148 15.13 -11.42 -11.97
N ALA A 149 14.65 -10.19 -11.85
CA ALA A 149 14.39 -9.60 -10.53
C ALA A 149 13.25 -10.34 -9.82
N PHE A 150 12.21 -10.74 -10.54
CA PHE A 150 11.04 -11.47 -9.96
C PHE A 150 11.47 -12.84 -9.46
N ARG A 151 12.20 -13.58 -10.29
CA ARG A 151 12.68 -14.93 -9.94
C ARG A 151 13.43 -14.88 -8.61
N LYS A 152 14.35 -13.94 -8.45
CA LYS A 152 15.14 -13.80 -7.21
C LYS A 152 14.21 -13.49 -6.03
N PHE A 153 13.26 -12.58 -6.24
CA PHE A 153 12.32 -12.17 -5.18
C PHE A 153 11.48 -13.36 -4.73
N LEU A 154 11.02 -14.16 -5.68
CA LEU A 154 10.16 -15.33 -5.36
C LEU A 154 10.99 -16.40 -4.65
N LYS A 155 12.28 -16.53 -4.97
CA LYS A 155 13.18 -17.50 -4.33
C LYS A 155 13.31 -17.14 -2.86
N GLY A 156 13.43 -15.85 -2.56
CA GLY A 156 13.44 -15.40 -1.16
C GLY A 156 12.07 -15.35 -0.50
N LEU A 157 11.04 -15.93 -1.10
CA LEU A 157 9.70 -16.04 -0.45
C LEU A 157 9.39 -17.53 -0.26
N ALA A 158 9.76 -18.39 -1.22
CA ALA A 158 9.49 -19.85 -1.17
C ALA A 158 10.25 -20.53 -0.04
N SER A 159 11.41 -20.00 0.32
CA SER A 159 12.22 -20.58 1.41
C SER A 159 11.40 -20.60 2.70
N ARG A 160 10.57 -19.59 2.94
CA ARG A 160 9.83 -19.45 4.23
C ARG A 160 8.55 -20.28 4.27
N LYS A 161 7.73 -20.23 3.23
CA LYS A 161 6.42 -20.93 3.25
C LYS A 161 6.06 -21.30 1.82
N PRO A 162 5.29 -22.38 1.57
CA PRO A 162 4.80 -22.69 0.23
C PRO A 162 4.26 -21.50 -0.58
N LEU A 163 4.51 -21.47 -1.88
CA LEU A 163 4.15 -20.30 -2.72
C LEU A 163 3.12 -20.62 -3.80
N VAL A 164 2.12 -19.75 -3.97
CA VAL A 164 1.18 -19.86 -5.11
C VAL A 164 1.36 -18.56 -5.92
N LEU A 165 1.70 -18.67 -7.20
CA LEU A 165 1.85 -17.50 -8.10
C LEU A 165 0.77 -17.54 -9.17
N CYS A 166 0.01 -16.46 -9.30
CA CYS A 166 -1.09 -16.41 -10.28
C CYS A 166 -1.07 -15.13 -11.10
N GLY A 167 -1.69 -15.17 -12.26
CA GLY A 167 -1.83 -13.96 -13.08
C GLY A 167 -1.33 -14.07 -14.49
N ASP A 168 -1.28 -12.93 -15.17
CA ASP A 168 -0.74 -12.82 -16.54
C ASP A 168 0.79 -12.82 -16.46
N LEU A 169 1.41 -13.89 -16.93
CA LEU A 169 2.90 -13.95 -16.96
C LEU A 169 3.38 -13.52 -18.34
N ASN A 170 2.46 -13.10 -19.21
CA ASN A 170 2.79 -12.52 -20.55
C ASN A 170 3.73 -13.42 -21.34
N VAL A 171 3.51 -14.73 -21.25
CA VAL A 171 4.38 -15.73 -21.93
C VAL A 171 3.61 -17.01 -22.20
N ALA A 172 3.71 -17.51 -23.41
CA ALA A 172 3.20 -18.85 -23.72
C ALA A 172 4.46 -19.72 -23.65
N HIS A 173 4.56 -20.53 -22.60
CA HIS A 173 5.78 -21.33 -22.36
C HIS A 173 6.13 -22.21 -23.53
N GLU A 174 5.15 -22.92 -24.06
CA GLU A 174 5.44 -23.90 -25.11
C GLU A 174 4.49 -23.72 -26.28
N GLU A 175 4.72 -24.43 -27.36
CA GLU A 175 3.89 -24.34 -28.60
C GLU A 175 2.44 -24.72 -28.30
N ILE A 176 2.24 -25.54 -27.28
CA ILE A 176 0.88 -25.99 -26.88
C ILE A 176 0.12 -24.82 -26.27
N ASP A 177 0.83 -23.81 -25.76
CA ASP A 177 0.19 -22.65 -25.09
C ASP A 177 -0.27 -21.58 -26.07
N LEU A 178 -0.15 -21.81 -27.37
CA LEU A 178 -0.69 -20.85 -28.37
C LEU A 178 -1.14 -21.55 -29.66
N ARG A 179 -2.10 -20.96 -30.37
CA ARG A 179 -2.64 -21.52 -31.63
C ARG A 179 -1.64 -21.36 -32.77
N ASN A 180 -0.80 -20.32 -32.72
CA ASN A 180 0.09 -20.07 -33.85
C ASN A 180 1.55 -19.98 -33.41
N PRO A 181 2.21 -21.05 -32.90
CA PRO A 181 3.60 -20.93 -32.49
C PRO A 181 4.58 -20.49 -33.59
N LYS A 182 4.50 -21.03 -34.79
CA LYS A 182 5.53 -20.71 -35.81
C LYS A 182 5.57 -19.24 -36.17
N GLY A 183 4.42 -18.60 -36.28
CA GLY A 183 4.45 -17.20 -36.73
C GLY A 183 4.56 -16.20 -35.60
N ASN A 184 4.75 -16.68 -34.37
CA ASN A 184 4.78 -15.76 -33.19
C ASN A 184 6.10 -15.91 -32.43
N LYS A 185 7.09 -16.56 -33.03
CA LYS A 185 8.38 -16.82 -32.34
C LYS A 185 9.19 -15.52 -32.16
N LYS A 186 8.81 -14.46 -32.85
CA LYS A 186 9.50 -13.14 -32.74
C LYS A 186 8.49 -12.14 -32.20
N ASN A 187 7.38 -12.64 -31.69
CA ASN A 187 6.35 -11.74 -31.10
C ASN A 187 6.37 -11.82 -29.58
N ALA A 188 5.90 -10.78 -28.92
CA ALA A 188 5.80 -10.75 -27.46
C ALA A 188 4.96 -11.92 -26.95
N GLY A 189 5.40 -12.57 -25.88
CA GLY A 189 4.69 -13.76 -25.38
C GLY A 189 5.26 -15.06 -25.91
N PHE A 190 5.96 -15.06 -27.05
CA PHE A 190 6.48 -16.37 -27.53
C PHE A 190 7.96 -16.26 -27.91
N THR A 191 8.64 -15.21 -27.45
CA THR A 191 10.09 -15.09 -27.70
C THR A 191 10.83 -16.19 -26.94
N PRO A 192 11.94 -16.77 -27.47
CA PRO A 192 12.75 -17.73 -26.71
C PRO A 192 13.17 -17.14 -25.37
N GLN A 193 13.39 -15.84 -25.33
CA GLN A 193 13.83 -15.16 -24.09
C GLN A 193 12.78 -15.27 -22.98
N GLU A 194 11.52 -15.04 -23.31
CA GLU A 194 10.42 -15.11 -22.33
C GLU A 194 10.14 -16.56 -21.96
N ARG A 195 10.12 -17.45 -22.95
CA ARG A 195 9.91 -18.89 -22.70
C ARG A 195 11.00 -19.41 -21.75
N GLN A 196 12.26 -19.02 -21.96
CA GLN A 196 13.38 -19.42 -21.09
C GLN A 196 13.21 -18.83 -19.69
N GLY A 197 12.82 -17.56 -19.58
CA GLY A 197 12.53 -16.97 -18.27
C GLY A 197 11.50 -17.76 -17.47
N PHE A 198 10.44 -18.26 -18.11
CA PHE A 198 9.37 -19.06 -17.42
C PHE A 198 9.96 -20.38 -16.96
N GLY A 199 10.72 -21.07 -17.82
CA GLY A 199 11.40 -22.32 -17.44
C GLY A 199 12.36 -22.10 -16.29
N GLU A 200 12.99 -20.95 -16.24
CA GLU A 200 13.95 -20.62 -15.16
C GLU A 200 13.20 -20.36 -13.85
N LEU A 201 12.02 -19.73 -13.90
CA LEU A 201 11.19 -19.53 -12.70
C LEU A 201 10.73 -20.89 -12.17
N LEU A 202 10.34 -21.80 -13.06
CA LEU A 202 9.87 -23.15 -12.67
C LEU A 202 10.99 -23.94 -11.98
N GLN A 203 12.23 -23.80 -12.44
CA GLN A 203 13.34 -24.61 -11.90
C GLN A 203 14.01 -23.91 -10.73
N ALA A 204 14.11 -22.58 -10.74
CA ALA A 204 14.88 -21.91 -9.69
C ALA A 204 14.13 -21.79 -8.34
N VAL A 205 12.83 -21.57 -8.36
CA VAL A 205 12.07 -21.27 -7.10
C VAL A 205 12.03 -22.41 -6.07
N PRO A 206 11.65 -23.68 -6.34
CA PRO A 206 10.99 -24.12 -7.56
C PRO A 206 9.46 -24.01 -7.64
N LEU A 207 8.91 -24.06 -8.84
CA LEU A 207 7.44 -23.97 -9.03
C LEU A 207 7.01 -24.93 -10.14
N ALA A 208 5.70 -25.15 -10.24
CA ALA A 208 5.15 -26.08 -11.24
C ALA A 208 3.90 -25.48 -11.88
N ASP A 209 3.79 -25.59 -13.19
CA ASP A 209 2.61 -25.15 -13.93
C ASP A 209 1.43 -26.04 -13.56
N SER A 210 0.46 -25.52 -12.82
CA SER A 210 -0.69 -26.34 -12.33
C SER A 210 -1.45 -27.01 -13.49
N PHE A 211 -1.83 -26.24 -14.48
CA PHE A 211 -2.63 -26.77 -15.61
C PHE A 211 -1.83 -27.83 -16.37
N ARG A 212 -0.56 -27.56 -16.66
CA ARG A 212 0.24 -28.50 -17.51
C ARG A 212 0.62 -29.74 -16.70
N HIS A 213 0.85 -29.61 -15.41
CA HIS A 213 1.07 -30.81 -14.54
C HIS A 213 -0.15 -31.71 -14.63
N LEU A 214 -1.33 -31.13 -14.56
CA LEU A 214 -2.59 -31.90 -14.59
C LEU A 214 -2.94 -32.35 -16.01
N TYR A 215 -2.65 -31.52 -17.00
CA TYR A 215 -3.05 -31.81 -18.40
C TYR A 215 -1.86 -31.57 -19.32
N PRO A 216 -0.82 -32.45 -19.36
CA PRO A 216 0.39 -32.19 -20.15
C PRO A 216 0.26 -32.32 -21.66
N ASN A 217 -0.82 -32.94 -22.14
CA ASN A 217 -0.97 -33.21 -23.59
C ASN A 217 -2.22 -32.53 -24.12
N THR A 218 -2.82 -31.66 -23.32
CA THR A 218 -4.07 -31.00 -23.75
C THR A 218 -3.75 -29.73 -24.55
N PRO A 219 -4.03 -29.67 -25.88
CA PRO A 219 -3.81 -28.46 -26.65
C PRO A 219 -5.05 -27.56 -26.72
N TYR A 220 -4.93 -26.43 -27.41
CA TYR A 220 -6.07 -25.50 -27.63
C TYR A 220 -6.61 -24.88 -26.33
N ALA A 221 -5.89 -25.02 -25.23
CA ALA A 221 -6.29 -24.37 -23.97
C ALA A 221 -5.63 -23.02 -23.83
N TYR A 222 -6.42 -21.97 -24.01
CA TYR A 222 -5.88 -20.60 -24.00
C TYR A 222 -6.64 -19.73 -23.01
N THR A 223 -6.04 -18.62 -22.61
CA THR A 223 -6.65 -17.72 -21.62
C THR A 223 -6.72 -16.31 -22.19
N PHE A 224 -6.23 -16.13 -23.41
CA PHE A 224 -6.19 -14.78 -24.04
C PHE A 224 -6.47 -14.88 -25.54
N TRP A 225 -7.23 -13.92 -26.06
CA TRP A 225 -7.49 -13.83 -27.51
C TRP A 225 -7.49 -12.36 -27.90
N THR A 226 -6.85 -12.03 -29.01
CA THR A 226 -6.92 -10.65 -29.53
C THR A 226 -8.37 -10.33 -29.84
N TYR A 227 -8.80 -9.15 -29.43
CA TYR A 227 -10.14 -8.65 -29.82
C TYR A 227 -10.20 -8.58 -31.35
N MET A 228 -9.04 -8.52 -32.01
CA MET A 228 -8.99 -8.33 -33.48
C MET A 228 -9.20 -9.63 -34.25
N MET A 229 -9.72 -9.54 -35.47
CA MET A 229 -9.89 -10.70 -36.38
C MET A 229 -10.66 -11.84 -35.71
N ASN A 230 -11.68 -11.51 -34.91
CA ASN A 230 -12.55 -12.53 -34.24
C ASN A 230 -11.74 -13.70 -33.69
N ALA A 231 -10.67 -13.45 -32.96
CA ALA A 231 -9.80 -14.58 -32.56
C ALA A 231 -10.47 -15.55 -31.58
N ARG A 232 -11.22 -15.08 -30.58
CA ARG A 232 -11.86 -15.94 -29.54
C ARG A 232 -12.89 -16.88 -30.17
N SER A 233 -13.70 -16.39 -31.10
CA SER A 233 -14.76 -17.20 -31.77
C SER A 233 -14.12 -18.31 -32.59
N LYS A 234 -12.84 -18.17 -32.90
CA LYS A 234 -12.11 -19.19 -33.67
C LYS A 234 -11.11 -19.90 -32.74
N ASN A 235 -11.09 -19.54 -31.46
CA ASN A 235 -10.12 -20.13 -30.50
C ASN A 235 -8.68 -19.93 -31.00
N VAL A 236 -8.40 -18.77 -31.60
CA VAL A 236 -7.01 -18.45 -31.99
C VAL A 236 -6.47 -17.67 -30.80
N GLY A 237 -5.83 -18.37 -29.88
CA GLY A 237 -5.43 -17.70 -28.66
C GLY A 237 -4.14 -18.16 -28.03
N TRP A 238 -3.90 -17.68 -26.81
CA TRP A 238 -2.64 -17.96 -26.08
C TRP A 238 -2.93 -18.25 -24.62
N ARG A 239 -2.09 -19.06 -23.98
CA ARG A 239 -2.20 -19.29 -22.54
C ARG A 239 -1.18 -18.38 -21.88
N LEU A 240 -1.63 -17.27 -21.33
CA LEU A 240 -0.74 -16.26 -20.72
C LEU A 240 -0.99 -16.23 -19.23
N ASP A 241 -2.06 -16.87 -18.79
CA ASP A 241 -2.46 -16.80 -17.36
C ASP A 241 -2.24 -18.13 -16.67
N TYR A 242 -1.54 -18.10 -15.55
CA TYR A 242 -1.16 -19.38 -14.92
C TYR A 242 -1.30 -19.42 -13.41
N PHE A 243 -1.32 -20.62 -12.86
CA PHE A 243 -1.23 -20.81 -11.40
C PHE A 243 0.02 -21.67 -11.24
N LEU A 244 1.06 -21.08 -10.68
CA LEU A 244 2.33 -21.80 -10.48
C LEU A 244 2.40 -22.15 -9.00
N LEU A 245 2.77 -23.39 -8.68
CA LEU A 245 2.76 -23.83 -7.27
C LEU A 245 4.10 -24.40 -6.82
N SER A 246 4.48 -24.11 -5.59
CA SER A 246 5.66 -24.76 -5.00
C SER A 246 5.37 -26.27 -4.99
N HIS A 247 6.40 -27.11 -5.11
CA HIS A 247 6.19 -28.59 -5.21
C HIS A 247 5.57 -29.16 -3.94
N SER A 248 5.75 -28.49 -2.81
CA SER A 248 5.15 -28.92 -1.54
C SER A 248 3.63 -28.79 -1.60
N LEU A 249 3.10 -27.97 -2.52
CA LEU A 249 1.65 -27.73 -2.61
C LEU A 249 1.02 -28.63 -3.69
N LEU A 250 1.83 -29.32 -4.48
CA LEU A 250 1.25 -30.26 -5.49
C LEU A 250 0.38 -31.33 -4.84
N PRO A 251 0.68 -31.92 -3.66
CA PRO A 251 -0.25 -32.84 -2.99
C PRO A 251 -1.64 -32.23 -2.72
N ALA A 252 -1.73 -30.90 -2.63
CA ALA A 252 -3.00 -30.20 -2.37
C ALA A 252 -3.72 -29.84 -3.68
N LEU A 253 -3.05 -30.02 -4.82
CA LEU A 253 -3.66 -29.61 -6.11
C LEU A 253 -4.85 -30.48 -6.44
N CYS A 254 -6.02 -29.88 -6.53
CA CYS A 254 -7.19 -30.64 -6.99
C CYS A 254 -7.42 -30.29 -8.46
N ASP A 255 -7.49 -29.00 -8.80
CA ASP A 255 -7.62 -28.63 -10.22
C ASP A 255 -7.14 -27.21 -10.58
N SER A 256 -6.74 -27.01 -11.84
CA SER A 256 -6.43 -25.67 -12.40
C SER A 256 -7.35 -25.54 -13.61
N LYS A 257 -8.30 -24.62 -13.55
CA LYS A 257 -9.33 -24.53 -14.60
C LYS A 257 -9.12 -23.31 -15.50
N ILE A 258 -9.62 -23.41 -16.73
CA ILE A 258 -9.56 -22.26 -17.66
C ILE A 258 -11.02 -21.94 -17.98
N ARG A 259 -11.51 -20.79 -17.52
CA ARG A 259 -12.95 -20.44 -17.68
C ARG A 259 -13.16 -19.81 -19.05
N SER A 260 -13.09 -20.60 -20.12
CA SER A 260 -13.17 -20.05 -21.50
C SER A 260 -14.45 -19.25 -21.76
N LYS A 261 -15.56 -19.57 -21.09
CA LYS A 261 -16.84 -18.93 -21.50
C LYS A 261 -17.09 -17.54 -20.88
N ALA A 262 -16.44 -17.22 -19.78
CA ALA A 262 -16.65 -15.91 -19.11
C ALA A 262 -16.10 -14.77 -19.94
N LEU A 263 -16.91 -13.74 -20.14
CA LEU A 263 -16.53 -12.61 -21.00
C LEU A 263 -16.28 -11.37 -20.14
N GLY A 264 -15.92 -10.26 -20.78
CA GLY A 264 -15.64 -9.00 -20.07
C GLY A 264 -14.22 -8.55 -20.28
N SER A 265 -13.44 -9.31 -21.05
CA SER A 265 -12.01 -9.02 -21.32
C SER A 265 -11.52 -9.85 -22.50
N ASP A 266 -10.32 -9.54 -22.99
CA ASP A 266 -9.64 -10.35 -24.03
C ASP A 266 -9.00 -11.54 -23.31
N HIS A 267 -8.97 -11.47 -21.99
CA HIS A 267 -8.45 -12.57 -21.17
C HIS A 267 -9.62 -13.26 -20.48
N CYS A 268 -9.53 -14.57 -20.30
CA CYS A 268 -10.59 -15.31 -19.60
C CYS A 268 -10.12 -15.62 -18.18
N PRO A 269 -11.04 -15.93 -17.22
CA PRO A 269 -10.61 -16.30 -15.90
C PRO A 269 -9.94 -17.67 -15.78
N ILE A 270 -9.06 -17.79 -14.81
CA ILE A 270 -8.48 -19.11 -14.49
C ILE A 270 -8.82 -19.38 -13.02
N THR A 271 -9.00 -20.64 -12.64
CA THR A 271 -9.45 -20.96 -11.25
C THR A 271 -8.64 -22.12 -10.68
N LEU A 272 -8.17 -21.97 -9.44
CA LEU A 272 -7.37 -23.01 -8.77
C LEU A 272 -8.10 -23.60 -7.56
N TYR A 273 -8.17 -24.92 -7.52
CA TYR A 273 -8.81 -25.64 -6.39
C TYR A 273 -7.68 -26.27 -5.58
N LEU A 274 -7.56 -25.89 -4.32
CA LEU A 274 -6.48 -26.39 -3.45
C LEU A 274 -7.05 -27.11 -2.22
N ALA A 275 -6.45 -28.21 -1.78
CA ALA A 275 -6.87 -28.96 -0.57
C ALA A 275 -5.90 -28.64 0.56
N LEU A 276 -6.18 -27.59 1.31
CA LEU A 276 -5.23 -27.14 2.34
C LEU A 276 -5.89 -27.26 3.72
N ALA B 1 -0.99 21.61 35.18
CA ALA B 1 -2.07 20.68 35.49
C ALA B 1 -1.95 19.41 34.67
N LEU B 2 -2.73 18.39 35.03
CA LEU B 2 -2.78 17.18 34.19
C LEU B 2 -3.73 17.52 33.05
N TYR B 3 -3.76 16.72 31.99
CA TYR B 3 -4.59 17.10 30.81
C TYR B 3 -5.46 15.92 30.38
N GLU B 4 -6.68 16.24 29.96
CA GLU B 4 -7.60 15.20 29.47
C GLU B 4 -8.11 15.68 28.12
N ASP B 5 -7.83 14.93 27.06
CA ASP B 5 -8.27 15.32 25.70
C ASP B 5 -9.78 15.22 25.61
N PRO B 6 -10.46 16.23 25.03
CA PRO B 6 -11.89 16.14 24.82
C PRO B 6 -12.30 14.89 24.02
N PRO B 7 -13.56 14.39 24.08
CA PRO B 7 -13.98 13.29 23.19
C PRO B 7 -13.80 13.62 21.70
N ASP B 8 -13.88 12.62 20.85
CA ASP B 8 -13.62 12.85 19.41
C ASP B 8 -14.88 13.39 18.73
N GLN B 9 -14.71 14.44 17.91
CA GLN B 9 -15.85 14.99 17.12
C GLN B 9 -15.73 14.41 15.73
N LYS B 10 -16.63 13.50 15.38
CA LYS B 10 -16.55 12.79 14.08
C LYS B 10 -17.55 13.39 13.09
N THR B 11 -18.13 14.56 13.41
CA THR B 11 -19.02 15.27 12.46
C THR B 11 -18.35 16.61 12.14
N SER B 12 -18.47 17.08 10.91
CA SER B 12 -17.91 18.40 10.52
C SER B 12 -18.86 19.51 10.96
N PRO B 13 -18.47 20.81 10.99
CA PRO B 13 -19.43 21.89 11.28
C PRO B 13 -20.74 21.74 10.49
N SER B 14 -20.68 21.26 9.24
CA SER B 14 -21.89 21.09 8.37
C SER B 14 -22.53 19.73 8.56
N GLY B 15 -22.34 19.08 9.71
CA GLY B 15 -22.99 17.80 10.00
C GLY B 15 -22.62 16.66 9.05
N LYS B 16 -21.48 16.74 8.39
CA LYS B 16 -21.02 15.63 7.50
C LYS B 16 -20.15 14.68 8.32
N PRO B 17 -20.35 13.35 8.26
CA PRO B 17 -19.56 12.41 9.06
C PRO B 17 -18.11 12.30 8.58
N ALA B 18 -17.17 12.03 9.48
CA ALA B 18 -15.75 11.89 9.09
C ALA B 18 -15.59 10.72 8.12
N THR B 19 -14.72 10.90 7.13
CA THR B 19 -14.44 9.82 6.15
C THR B 19 -12.95 9.49 6.23
N LEU B 20 -12.16 10.32 6.93
CA LEU B 20 -10.69 10.12 6.96
C LEU B 20 -10.10 10.26 8.36
N LYS B 21 -9.22 9.34 8.73
CA LYS B 21 -8.56 9.37 10.04
C LYS B 21 -7.05 9.32 9.80
N ILE B 22 -6.37 10.44 10.05
CA ILE B 22 -4.88 10.43 9.93
C ILE B 22 -4.29 10.40 11.35
N CYS B 23 -3.37 9.47 11.59
CA CYS B 23 -2.66 9.46 12.88
C CYS B 23 -1.19 9.81 12.64
N SER B 24 -0.62 10.65 13.50
CA SER B 24 0.80 11.00 13.43
C SER B 24 1.45 10.63 14.77
N TRP B 25 2.62 10.02 14.72
CA TRP B 25 3.28 9.58 15.96
C TRP B 25 4.79 9.64 15.81
N ASN B 26 5.45 10.46 16.62
CA ASN B 26 6.93 10.37 16.66
C ASN B 26 7.16 9.12 17.52
N VAL B 27 7.74 8.08 16.96
CA VAL B 27 7.89 6.77 17.66
C VAL B 27 9.25 6.69 18.34
N ASP B 28 10.14 7.66 18.06
CA ASP B 28 11.51 7.71 18.66
C ASP B 28 12.09 6.30 18.80
N GLY B 29 12.39 5.66 17.67
CA GLY B 29 12.89 4.28 17.68
C GLY B 29 11.79 3.35 17.26
N LEU B 30 11.55 3.22 15.96
CA LEU B 30 10.45 2.36 15.42
C LEU B 30 10.58 0.93 15.93
N ARG B 31 11.80 0.40 16.01
CA ARG B 31 12.04 -0.97 16.49
C ARG B 31 11.71 -1.08 17.99
N ALA B 32 12.12 -0.11 18.80
CA ALA B 32 11.77 -0.10 20.24
C ALA B 32 10.27 0.11 20.41
N TRP B 33 9.68 0.98 19.59
CA TRP B 33 8.24 1.30 19.67
C TRP B 33 7.40 0.05 19.36
N ILE B 34 7.91 -0.80 18.49
CA ILE B 34 7.19 -2.07 18.15
C ILE B 34 7.28 -3.01 19.35
N LYS B 35 8.43 -3.04 20.03
CA LYS B 35 8.63 -3.96 21.18
C LYS B 35 7.73 -3.47 22.31
N LYS B 36 7.38 -2.20 22.29
CA LYS B 36 6.51 -1.61 23.34
C LYS B 36 5.07 -1.55 22.83
N LYS B 37 4.66 -2.51 22.01
CA LYS B 37 3.24 -2.65 21.58
C LYS B 37 2.68 -1.40 20.89
N GLY B 38 3.47 -0.75 20.05
CA GLY B 38 2.97 0.41 19.31
C GLY B 38 2.02 0.00 18.21
N LEU B 39 2.37 -1.01 17.45
CA LEU B 39 1.49 -1.54 16.39
C LEU B 39 0.13 -1.92 17.01
N ASP B 40 0.14 -2.36 18.26
CA ASP B 40 -1.12 -2.70 18.97
C ASP B 40 -2.01 -1.47 19.09
N TRP B 41 -1.49 -0.33 19.58
CA TRP B 41 -2.31 0.91 19.64
C TRP B 41 -2.84 1.28 18.26
N VAL B 42 -2.00 1.19 17.24
CA VAL B 42 -2.41 1.64 15.88
C VAL B 42 -3.55 0.75 15.35
N LYS B 43 -3.48 -0.57 15.57
CA LYS B 43 -4.52 -1.48 15.03
C LYS B 43 -5.90 -1.14 15.61
N GLU B 44 -5.96 -0.76 16.89
CA GLU B 44 -7.25 -0.45 17.54
C GLU B 44 -7.67 0.97 17.16
N GLU B 45 -6.71 1.85 16.95
CA GLU B 45 -7.04 3.21 16.47
C GLU B 45 -7.58 3.09 15.06
N ALA B 46 -7.16 2.06 14.34
CA ALA B 46 -7.56 1.86 12.93
C ALA B 46 -7.53 3.15 12.09
N PRO B 47 -6.40 3.88 11.98
CA PRO B 47 -6.34 5.04 11.11
C PRO B 47 -6.33 4.71 9.61
N ASP B 48 -6.89 5.58 8.78
CA ASP B 48 -6.80 5.35 7.32
C ASP B 48 -5.37 5.67 6.87
N ILE B 49 -4.73 6.62 7.53
CA ILE B 49 -3.32 6.99 7.22
C ILE B 49 -2.54 7.11 8.52
N LEU B 50 -1.37 6.47 8.59
CA LEU B 50 -0.47 6.57 9.77
C LEU B 50 0.82 7.26 9.32
N CYS B 51 1.16 8.34 10.00
CA CYS B 51 2.42 9.04 9.70
C CYS B 51 3.36 8.84 10.88
N LEU B 52 4.63 8.52 10.60
CA LEU B 52 5.61 8.19 11.66
C LEU B 52 6.86 9.07 11.54
N GLN B 53 7.41 9.48 12.67
CA GLN B 53 8.62 10.34 12.71
C GLN B 53 9.66 9.74 13.66
N GLU B 54 10.94 10.10 13.48
CA GLU B 54 12.06 9.57 14.33
C GLU B 54 12.02 8.04 14.34
N THR B 55 11.96 7.42 13.17
CA THR B 55 11.97 5.95 13.05
C THR B 55 13.34 5.42 13.47
N LYS B 56 14.42 6.11 13.12
CA LYS B 56 15.79 5.71 13.49
C LYS B 56 15.97 4.28 13.02
N CYS B 57 15.51 4.00 11.80
CA CYS B 57 15.55 2.63 11.24
C CYS B 57 15.81 2.65 9.75
N SER B 58 16.88 1.99 9.32
CA SER B 58 17.16 1.84 7.88
C SER B 58 16.04 1.04 7.21
N GLU B 59 15.82 1.27 5.94
CA GLU B 59 14.77 0.52 5.19
C GLU B 59 15.05 -0.98 5.27
N ASN B 60 16.31 -1.39 5.27
CA ASN B 60 16.66 -2.83 5.25
C ASN B 60 16.38 -3.47 6.61
N LYS B 61 16.20 -2.67 7.66
CA LYS B 61 15.98 -3.20 9.02
C LYS B 61 14.52 -3.02 9.43
N LEU B 62 13.70 -2.46 8.55
CA LEU B 62 12.26 -2.25 8.82
C LEU B 62 11.60 -3.56 9.28
N PRO B 63 11.09 -3.73 10.53
CA PRO B 63 10.51 -5.01 10.93
C PRO B 63 9.34 -5.48 10.06
N ALA B 64 9.33 -6.76 9.69
CA ALA B 64 8.31 -7.32 8.79
C ALA B 64 6.89 -7.19 9.35
N GLU B 65 6.76 -7.14 10.67
CA GLU B 65 5.44 -7.01 11.35
C GLU B 65 4.71 -5.73 10.92
N LEU B 66 5.39 -4.80 10.26
CA LEU B 66 4.71 -3.58 9.76
C LEU B 66 3.71 -3.95 8.67
N GLN B 67 3.95 -5.03 7.93
CA GLN B 67 3.05 -5.46 6.80
C GLN B 67 1.79 -6.14 7.34
N GLU B 68 1.75 -6.44 8.63
CA GLU B 68 0.54 -7.03 9.26
C GLU B 68 -0.50 -5.94 9.54
N LEU B 69 -0.10 -4.68 9.57
CA LEU B 69 -1.04 -3.61 9.98
C LEU B 69 -2.31 -3.62 9.13
N PRO B 70 -3.47 -3.95 9.71
CA PRO B 70 -4.70 -3.97 8.97
C PRO B 70 -5.05 -2.55 8.52
N GLY B 71 -5.30 -2.37 7.22
CA GLY B 71 -5.70 -1.06 6.71
C GLY B 71 -4.55 -0.10 6.51
N LEU B 72 -3.31 -0.57 6.47
CA LEU B 72 -2.13 0.32 6.30
C LEU B 72 -1.07 -0.39 5.44
N SER B 73 -1.48 -0.99 4.34
CA SER B 73 -0.61 -1.80 3.45
C SER B 73 0.36 -0.97 2.60
N HIS B 74 -0.02 0.25 2.25
CA HIS B 74 0.84 1.07 1.38
C HIS B 74 1.86 1.79 2.28
N GLN B 75 3.10 1.29 2.32
CA GLN B 75 4.12 1.81 3.24
C GLN B 75 5.23 2.56 2.50
N TYR B 76 5.43 3.81 2.88
CA TYR B 76 6.44 4.68 2.22
C TYR B 76 7.40 5.16 3.29
N TRP B 77 8.70 5.13 3.01
CA TRP B 77 9.71 5.43 4.04
C TRP B 77 10.83 6.29 3.49
N SER B 78 11.33 7.20 4.31
CA SER B 78 12.45 8.08 3.92
C SER B 78 13.50 7.99 5.02
N ALA B 79 14.59 7.29 4.76
CA ALA B 79 15.70 7.20 5.73
C ALA B 79 16.74 8.26 5.40
N PRO B 80 17.53 8.74 6.37
CA PRO B 80 18.62 9.68 6.07
C PRO B 80 19.70 9.05 5.18
N TYR B 86 19.90 9.80 12.75
CA TYR B 86 19.03 10.08 13.92
C TYR B 86 17.70 10.68 13.47
N SER B 87 17.17 10.23 12.33
CA SER B 87 15.90 10.76 11.79
C SER B 87 15.04 9.61 11.29
N GLY B 88 14.47 9.76 10.10
CA GLY B 88 13.58 8.74 9.55
C GLY B 88 12.12 9.09 9.68
N VAL B 89 11.35 8.87 8.61
CA VAL B 89 9.90 9.17 8.59
C VAL B 89 9.22 8.10 7.74
N GLY B 90 7.99 7.74 8.10
CA GLY B 90 7.21 6.81 7.29
C GLY B 90 5.80 7.29 7.07
N LEU B 91 5.17 6.83 6.01
CA LEU B 91 3.76 7.15 5.72
C LEU B 91 3.09 5.84 5.34
N LEU B 92 2.05 5.45 6.08
CA LEU B 92 1.34 4.17 5.84
C LEU B 92 -0.11 4.53 5.50
N SER B 93 -0.68 3.92 4.46
CA SER B 93 -2.03 4.28 4.00
C SER B 93 -2.83 3.07 3.54
N ARG B 94 -4.14 3.06 3.78
CA ARG B 94 -5.03 1.97 3.31
C ARG B 94 -5.07 1.98 1.79
N GLN B 95 -5.25 3.15 1.23
CA GLN B 95 -5.18 3.28 -0.23
C GLN B 95 -3.84 3.88 -0.60
N ALA B 96 -3.33 3.49 -1.76
CA ALA B 96 -2.09 4.11 -2.26
C ALA B 96 -2.35 5.55 -2.64
N PRO B 97 -1.44 6.47 -2.30
CA PRO B 97 -1.58 7.83 -2.77
C PRO B 97 -1.24 7.86 -4.27
N LEU B 98 -1.77 8.84 -4.99
CA LEU B 98 -1.53 8.95 -6.44
C LEU B 98 -0.05 9.27 -6.71
N LYS B 99 0.58 10.04 -5.83
CA LYS B 99 2.02 10.33 -5.98
C LYS B 99 2.70 10.43 -4.62
N VAL B 100 3.81 9.73 -4.44
CA VAL B 100 4.61 9.89 -3.18
C VAL B 100 5.95 10.53 -3.53
N SER B 101 6.20 11.70 -2.98
CA SER B 101 7.52 12.38 -3.17
C SER B 101 8.26 12.41 -1.84
N TYR B 102 9.60 12.41 -1.89
CA TYR B 102 10.44 12.36 -0.67
C TYR B 102 11.42 13.53 -0.70
N GLY B 103 11.26 14.52 0.17
CA GLY B 103 12.23 15.62 0.26
C GLY B 103 11.58 16.98 0.18
N ILE B 104 12.37 18.05 0.34
CA ILE B 104 11.82 19.42 0.20
C ILE B 104 12.52 20.17 -0.93
N GLY B 105 13.36 19.49 -1.70
CA GLY B 105 14.12 20.17 -2.77
C GLY B 105 14.76 19.20 -3.73
N GLU B 112 17.90 14.11 4.56
CA GLU B 112 18.07 13.74 5.98
C GLU B 112 16.84 12.92 6.41
N GLY B 113 16.07 12.39 5.46
CA GLY B 113 14.88 11.55 5.74
C GLY B 113 13.89 12.24 6.66
N ARG B 114 13.50 13.45 6.32
CA ARG B 114 12.65 14.20 7.26
C ARG B 114 11.25 14.41 6.69
N VAL B 115 11.08 14.29 5.38
CA VAL B 115 9.76 14.65 4.80
C VAL B 115 9.27 13.62 3.78
N ILE B 116 7.99 13.27 3.85
CA ILE B 116 7.34 12.41 2.82
C ILE B 116 6.09 13.19 2.36
N VAL B 117 5.86 13.27 1.05
CA VAL B 117 4.71 14.03 0.49
C VAL B 117 3.76 13.06 -0.21
N ALA B 118 2.51 13.06 0.20
CA ALA B 118 1.54 12.10 -0.36
C ALA B 118 0.39 12.83 -1.03
N GLU B 119 0.37 12.83 -2.36
CA GLU B 119 -0.76 13.44 -3.09
C GLU B 119 -1.91 12.47 -3.16
N PHE B 120 -3.06 12.88 -2.66
CA PHE B 120 -4.27 12.03 -2.68
C PHE B 120 -5.29 12.69 -3.61
N ASP B 121 -6.53 12.21 -3.65
CA ASP B 121 -7.54 12.71 -4.62
C ASP B 121 -7.89 14.17 -4.34
N SER B 122 -8.24 14.48 -3.10
CA SER B 122 -8.70 15.85 -2.78
C SER B 122 -7.69 16.63 -1.92
N PHE B 123 -6.53 16.06 -1.61
CA PHE B 123 -5.62 16.74 -0.68
C PHE B 123 -4.18 16.27 -0.81
N VAL B 124 -3.23 17.11 -0.41
CA VAL B 124 -1.81 16.65 -0.37
C VAL B 124 -1.42 16.51 1.10
N LEU B 125 -0.95 15.32 1.48
CA LEU B 125 -0.53 15.09 2.87
C LEU B 125 0.99 15.18 2.94
N VAL B 126 1.49 15.96 3.88
CA VAL B 126 2.96 16.04 4.10
C VAL B 126 3.22 15.64 5.55
N THR B 127 4.14 14.72 5.76
CA THR B 127 4.55 14.37 7.14
C THR B 127 5.98 14.86 7.28
N ALA B 128 6.31 15.35 8.45
CA ALA B 128 7.64 15.95 8.60
C ALA B 128 8.25 15.75 9.97
N TYR B 129 9.55 15.50 10.00
CA TYR B 129 10.29 15.46 11.27
C TYR B 129 11.27 16.62 11.13
N VAL B 130 10.85 17.80 11.57
CA VAL B 130 11.68 19.03 11.44
C VAL B 130 12.93 18.95 12.32
N PRO B 131 14.12 19.29 11.81
CA PRO B 131 15.33 19.18 12.59
C PRO B 131 15.34 20.07 13.84
N ALA B 132 15.67 19.48 14.98
CA ALA B 132 15.74 20.23 16.24
C ALA B 132 17.01 21.07 16.32
N ALA B 133 16.96 22.20 17.00
CA ALA B 133 18.10 23.16 17.05
C ALA B 133 19.24 22.65 17.91
N GLY B 134 18.96 21.69 18.78
CA GLY B 134 20.04 21.05 19.54
C GLY B 134 20.32 21.68 20.88
N ARG B 135 20.79 20.89 21.83
CA ARG B 135 21.30 21.48 23.08
C ARG B 135 22.38 22.47 22.66
N GLY B 136 22.31 23.71 23.15
CA GLY B 136 23.29 24.72 22.76
C GLY B 136 22.86 25.53 21.56
N LEU B 137 21.73 25.15 20.94
CA LEU B 137 21.23 25.83 19.72
C LEU B 137 22.32 25.80 18.66
N VAL B 138 23.08 24.70 18.59
CA VAL B 138 24.22 24.55 17.66
C VAL B 138 23.72 24.28 16.24
N ARG B 139 22.41 24.11 16.07
CA ARG B 139 21.85 23.76 14.74
C ARG B 139 20.66 24.67 14.44
N LEU B 140 20.48 25.75 15.21
CA LEU B 140 19.41 26.74 14.92
C LEU B 140 19.68 27.37 13.54
N GLU B 141 20.94 27.53 13.18
CA GLU B 141 21.31 28.10 11.85
C GLU B 141 20.86 27.13 10.76
N TYR B 142 21.06 25.83 10.96
CA TYR B 142 20.54 24.83 10.00
C TYR B 142 19.01 24.87 10.08
N ARG B 143 18.47 25.02 11.28
CA ARG B 143 17.01 25.00 11.45
C ARG B 143 16.36 26.13 10.66
N GLN B 144 16.86 27.34 10.81
CA GLN B 144 16.22 28.50 10.15
C GLN B 144 16.30 28.28 8.64
N ARG B 145 17.46 27.86 8.17
CA ARG B 145 17.62 27.58 6.72
C ARG B 145 16.59 26.53 6.30
N TRP B 146 16.43 25.48 7.10
CA TRP B 146 15.45 24.40 6.79
C TRP B 146 14.03 24.96 6.80
N ASP B 147 13.69 25.79 7.78
CA ASP B 147 12.30 26.33 7.90
C ASP B 147 11.95 27.18 6.67
N GLU B 148 12.86 28.08 6.27
CA GLU B 148 12.61 28.91 5.07
C GLU B 148 12.43 28.01 3.84
N ALA B 149 13.29 27.01 3.67
CA ALA B 149 13.21 26.15 2.46
C ALA B 149 11.89 25.37 2.50
N PHE B 150 11.48 24.94 3.68
CA PHE B 150 10.24 24.16 3.85
C PHE B 150 9.04 25.04 3.47
N ARG B 151 8.99 26.25 3.99
CA ARG B 151 7.86 27.17 3.69
C ARG B 151 7.75 27.33 2.17
N LYS B 152 8.86 27.65 1.51
CA LYS B 152 8.88 27.83 0.04
C LYS B 152 8.34 26.56 -0.63
N PHE B 153 8.82 25.40 -0.18
CA PHE B 153 8.33 24.12 -0.75
C PHE B 153 6.81 24.03 -0.51
N LEU B 154 6.37 24.27 0.72
CA LEU B 154 4.95 24.08 0.98
C LEU B 154 4.10 25.11 0.23
N LYS B 155 4.67 26.28 -0.07
CA LYS B 155 3.95 27.30 -0.82
C LYS B 155 3.58 26.81 -2.21
N GLY B 156 4.56 26.25 -2.94
CA GLY B 156 4.27 25.77 -4.28
C GLY B 156 3.35 24.58 -4.32
N LEU B 157 3.34 23.78 -3.24
CA LEU B 157 2.40 22.66 -3.15
C LEU B 157 0.96 23.16 -3.00
N ALA B 158 0.74 24.06 -2.04
CA ALA B 158 -0.64 24.50 -1.70
C ALA B 158 -1.31 25.27 -2.82
N SER B 159 -0.50 25.83 -3.72
CA SER B 159 -1.05 26.61 -4.87
C SER B 159 -1.72 25.68 -5.87
N ARG B 160 -1.55 24.36 -5.69
CA ARG B 160 -2.12 23.39 -6.65
C ARG B 160 -3.25 22.57 -6.00
N LYS B 161 -3.12 22.20 -4.73
CA LYS B 161 -4.11 21.31 -4.08
C LYS B 161 -4.19 21.65 -2.59
N PRO B 162 -5.33 21.42 -1.90
CA PRO B 162 -5.43 21.70 -0.47
C PRO B 162 -4.35 20.93 0.34
N LEU B 163 -3.77 21.54 1.37
CA LEU B 163 -2.61 20.89 2.06
C LEU B 163 -2.86 20.46 3.51
N VAL B 164 -2.48 19.22 3.86
CA VAL B 164 -2.49 18.75 5.27
C VAL B 164 -1.03 18.48 5.66
N LEU B 165 -0.46 19.20 6.61
CA LEU B 165 0.91 18.93 7.12
C LEU B 165 0.78 18.28 8.49
N CYS B 166 1.53 17.20 8.73
CA CYS B 166 1.52 16.60 10.08
C CYS B 166 2.93 16.24 10.58
N GLY B 167 3.01 15.83 11.83
CA GLY B 167 4.30 15.37 12.35
C GLY B 167 4.94 16.23 13.41
N ASP B 168 6.21 15.97 13.66
CA ASP B 168 6.98 16.70 14.70
C ASP B 168 7.64 17.91 14.08
N LEU B 169 7.12 19.09 14.39
CA LEU B 169 7.66 20.33 13.81
C LEU B 169 8.71 20.88 14.76
N ASN B 170 8.94 20.23 15.91
CA ASN B 170 10.02 20.57 16.86
C ASN B 170 9.98 22.04 17.30
N VAL B 171 8.80 22.53 17.59
CA VAL B 171 8.63 23.93 18.05
C VAL B 171 7.30 24.06 18.77
N ALA B 172 7.30 24.68 19.95
CA ALA B 172 6.05 25.02 20.61
C ALA B 172 5.78 26.46 20.16
N HIS B 173 4.73 26.67 19.37
CA HIS B 173 4.44 27.99 18.78
C HIS B 173 4.32 29.07 19.84
N GLU B 174 3.47 28.85 20.84
CA GLU B 174 3.17 29.92 21.81
C GLU B 174 3.36 29.40 23.23
N GLU B 175 3.39 30.31 24.22
CA GLU B 175 3.65 29.95 25.63
C GLU B 175 2.72 28.85 26.14
N ILE B 176 1.50 28.77 25.62
CA ILE B 176 0.52 27.74 26.02
C ILE B 176 1.02 26.36 25.58
N ASP B 177 1.86 26.30 24.55
CA ASP B 177 2.29 25.00 23.95
C ASP B 177 3.41 24.35 24.75
N LEU B 178 3.72 24.84 25.94
CA LEU B 178 4.77 24.25 26.82
C LEU B 178 4.55 24.66 28.29
N ARG B 179 4.90 23.79 29.25
CA ARG B 179 4.58 24.03 30.69
C ARG B 179 5.51 25.07 31.32
N ASN B 180 6.78 25.08 30.93
CA ASN B 180 7.77 26.01 31.49
C ASN B 180 8.20 27.00 30.40
N PRO B 181 7.41 28.04 30.03
CA PRO B 181 7.79 28.90 28.90
C PRO B 181 8.98 29.81 29.21
N LYS B 182 8.93 30.51 30.35
CA LYS B 182 9.99 31.47 30.75
C LYS B 182 11.35 30.79 30.82
N GLY B 183 11.39 29.52 31.22
CA GLY B 183 12.68 28.83 31.38
C GLY B 183 13.14 28.17 30.10
N ASN B 184 12.28 28.13 29.08
CA ASN B 184 12.66 27.38 27.86
C ASN B 184 12.83 28.33 26.66
N LYS B 185 12.90 29.64 26.89
CA LYS B 185 12.97 30.63 25.78
C LYS B 185 14.32 30.53 25.06
N LYS B 186 15.37 30.12 25.76
CA LYS B 186 16.70 29.94 25.15
C LYS B 186 16.90 28.44 24.85
N ASN B 187 15.84 27.65 25.01
CA ASN B 187 15.92 26.19 24.76
C ASN B 187 15.36 25.81 23.38
N ALA B 188 15.92 24.76 22.78
CA ALA B 188 15.46 24.28 21.45
C ALA B 188 13.98 23.92 21.48
N GLY B 189 13.20 24.51 20.59
CA GLY B 189 11.74 24.31 20.57
C GLY B 189 11.00 25.56 21.01
N PHE B 190 11.68 26.44 21.74
CA PHE B 190 11.05 27.71 22.16
C PHE B 190 11.95 28.90 21.85
N THR B 191 12.87 28.74 20.90
CA THR B 191 13.69 29.90 20.48
C THR B 191 12.78 30.90 19.76
N PRO B 192 13.05 32.24 19.80
CA PRO B 192 12.22 33.21 19.09
C PRO B 192 12.25 32.89 17.59
N GLN B 193 13.40 32.44 17.11
CA GLN B 193 13.55 32.09 15.68
C GLN B 193 12.61 30.93 15.35
N GLU B 194 12.51 29.95 16.25
CA GLU B 194 11.70 28.75 15.92
C GLU B 194 10.23 29.15 15.87
N ARG B 195 9.80 30.03 16.76
CA ARG B 195 8.38 30.42 16.81
C ARG B 195 8.06 31.30 15.61
N GLN B 196 9.01 32.15 15.22
CA GLN B 196 8.81 33.01 14.02
C GLN B 196 8.61 32.08 12.83
N GLY B 197 9.45 31.05 12.70
CA GLY B 197 9.35 30.09 11.59
C GLY B 197 7.99 29.43 11.55
N PHE B 198 7.48 28.98 12.70
CA PHE B 198 6.14 28.35 12.77
C PHE B 198 5.08 29.34 12.30
N GLY B 199 5.14 30.56 12.81
CA GLY B 199 4.15 31.58 12.43
C GLY B 199 4.30 31.95 10.97
N GLU B 200 5.53 32.10 10.50
CA GLU B 200 5.75 32.36 9.06
C GLU B 200 5.06 31.26 8.25
N LEU B 201 5.19 30.00 8.66
CA LEU B 201 4.60 28.87 7.92
C LEU B 201 3.08 29.00 7.92
N LEU B 202 2.49 29.31 9.07
CA LEU B 202 1.03 29.49 9.16
C LEU B 202 0.53 30.61 8.23
N GLN B 203 1.30 31.66 8.02
CA GLN B 203 0.74 32.81 7.26
C GLN B 203 1.16 32.78 5.80
N ALA B 204 2.35 32.28 5.49
CA ALA B 204 2.86 32.34 4.10
C ALA B 204 2.24 31.27 3.19
N VAL B 205 2.06 30.06 3.67
CA VAL B 205 1.54 28.97 2.80
C VAL B 205 0.17 29.28 2.17
N PRO B 206 -0.90 29.76 2.86
CA PRO B 206 -1.07 29.75 4.32
C PRO B 206 -1.52 28.42 4.93
N LEU B 207 -1.43 28.28 6.26
CA LEU B 207 -1.87 27.04 6.98
C LEU B 207 -2.51 27.41 8.32
N ALA B 208 -3.39 26.58 8.83
CA ALA B 208 -4.00 26.79 10.16
C ALA B 208 -3.60 25.65 11.08
N ASP B 209 -3.61 25.90 12.40
CA ASP B 209 -3.28 24.87 13.42
C ASP B 209 -4.59 24.19 13.83
N SER B 210 -4.83 22.99 13.33
CA SER B 210 -6.09 22.25 13.60
C SER B 210 -6.43 22.21 15.08
N PHE B 211 -5.49 21.79 15.92
CA PHE B 211 -5.74 21.77 17.38
C PHE B 211 -6.10 23.18 17.89
N ARG B 212 -5.25 24.19 17.69
CA ARG B 212 -5.52 25.59 18.15
C ARG B 212 -6.79 26.18 17.50
N HIS B 213 -7.13 25.81 16.26
CA HIS B 213 -8.41 26.29 15.65
C HIS B 213 -9.58 25.82 16.50
N LEU B 214 -9.59 24.54 16.86
CA LEU B 214 -10.75 24.01 17.61
C LEU B 214 -10.57 24.29 19.10
N TYR B 215 -9.33 24.45 19.56
CA TYR B 215 -9.06 24.64 21.01
C TYR B 215 -8.08 25.79 21.22
N PRO B 216 -8.45 27.05 20.90
CA PRO B 216 -7.50 28.15 20.94
C PRO B 216 -7.01 28.58 22.31
N ASN B 217 -7.90 28.48 23.27
CA ASN B 217 -7.56 29.00 24.60
C ASN B 217 -7.39 27.78 25.54
N THR B 218 -7.29 26.57 24.96
CA THR B 218 -7.20 25.29 25.72
C THR B 218 -5.79 25.07 26.28
N PRO B 219 -5.53 25.13 27.61
CA PRO B 219 -4.20 24.99 28.06
C PRO B 219 -3.80 23.58 28.42
N TYR B 220 -2.52 23.30 28.72
CA TYR B 220 -2.01 21.96 29.20
C TYR B 220 -1.95 20.86 28.15
N ALA B 221 -2.13 21.19 26.88
CA ALA B 221 -2.19 20.08 25.90
C ALA B 221 -0.84 19.87 25.24
N TYR B 222 -0.18 18.74 25.51
CA TYR B 222 1.19 18.50 24.98
C TYR B 222 1.28 17.16 24.27
N THR B 223 2.38 16.96 23.55
CA THR B 223 2.56 15.73 22.75
C THR B 223 3.92 15.13 23.09
N PHE B 224 4.82 15.93 23.65
CA PHE B 224 6.18 15.47 23.98
C PHE B 224 6.45 15.69 25.47
N TRP B 225 7.23 14.80 26.07
CA TRP B 225 7.66 14.94 27.47
C TRP B 225 9.04 14.32 27.54
N THR B 226 9.98 14.94 28.23
CA THR B 226 11.30 14.29 28.43
C THR B 226 11.15 13.03 29.27
N TYR B 227 11.90 11.99 28.95
CA TYR B 227 11.92 10.75 29.74
C TYR B 227 12.60 11.05 31.09
N MET B 228 13.35 12.14 31.13
CA MET B 228 14.08 12.54 32.35
C MET B 228 13.11 13.08 33.40
N MET B 229 13.31 12.71 34.67
CA MET B 229 12.51 13.23 35.82
C MET B 229 11.02 12.96 35.68
N ASN B 230 10.63 11.78 35.18
CA ASN B 230 9.19 11.41 35.01
C ASN B 230 8.37 12.62 34.59
N ALA B 231 8.82 13.32 33.55
CA ALA B 231 8.14 14.56 33.14
C ALA B 231 6.74 14.26 32.63
N ARG B 232 6.53 13.09 32.03
CA ARG B 232 5.18 12.70 31.57
C ARG B 232 4.23 12.52 32.76
N SER B 233 4.75 12.05 33.90
CA SER B 233 3.87 11.80 35.07
C SER B 233 3.36 13.13 35.60
N LYS B 234 4.13 14.19 35.41
CA LYS B 234 3.75 15.52 35.92
C LYS B 234 3.22 16.39 34.77
N ASN B 235 2.97 15.83 33.60
CA ASN B 235 2.51 16.61 32.41
C ASN B 235 3.44 17.79 32.16
N VAL B 236 4.72 17.63 32.46
CA VAL B 236 5.70 18.69 32.14
C VAL B 236 6.14 18.39 30.72
N GLY B 237 5.57 19.10 29.76
CA GLY B 237 5.91 18.76 28.37
C GLY B 237 5.73 19.85 27.35
N TRP B 238 5.76 19.45 26.08
CA TRP B 238 5.68 20.41 24.97
C TRP B 238 4.77 19.88 23.87
N ARG B 239 4.08 20.76 23.14
CA ARG B 239 3.27 20.35 21.97
C ARG B 239 4.17 20.56 20.74
N LEU B 240 4.80 19.49 20.26
CA LEU B 240 5.73 19.56 19.11
C LEU B 240 5.10 18.87 17.92
N ASP B 241 4.02 18.15 18.17
CA ASP B 241 3.33 17.41 17.09
C ASP B 241 2.10 18.20 16.66
N TYR B 242 1.91 18.33 15.36
CA TYR B 242 0.82 19.19 14.87
C TYR B 242 0.13 18.65 13.63
N PHE B 243 -1.11 19.07 13.41
CA PHE B 243 -1.82 18.81 12.14
C PHE B 243 -2.09 20.21 11.59
N LEU B 244 -1.32 20.65 10.60
CA LEU B 244 -1.51 21.98 9.99
C LEU B 244 -2.37 21.84 8.73
N LEU B 245 -3.46 22.59 8.65
CA LEU B 245 -4.43 22.42 7.53
C LEU B 245 -4.52 23.68 6.68
N SER B 246 -4.83 23.53 5.39
CA SER B 246 -5.08 24.73 4.56
C SER B 246 -6.45 25.27 4.95
N HIS B 247 -6.71 26.55 4.75
CA HIS B 247 -8.00 27.11 5.24
C HIS B 247 -9.16 26.49 4.46
N SER B 248 -8.90 25.96 3.27
CA SER B 248 -9.94 25.31 2.43
C SER B 248 -10.46 24.01 3.06
N LEU B 249 -9.71 23.45 4.01
CA LEU B 249 -10.11 22.15 4.61
C LEU B 249 -10.71 22.36 5.99
N LEU B 250 -10.75 23.61 6.46
CA LEU B 250 -11.38 23.92 7.77
C LEU B 250 -12.84 23.50 7.82
N PRO B 251 -13.72 23.74 6.80
CA PRO B 251 -15.07 23.22 6.84
C PRO B 251 -15.12 21.70 6.97
N ALA B 252 -14.11 21.01 6.45
CA ALA B 252 -14.05 19.53 6.53
C ALA B 252 -13.46 19.09 7.87
N LEU B 253 -12.74 19.96 8.56
CA LEU B 253 -12.11 19.63 9.87
C LEU B 253 -13.15 19.24 10.89
N CYS B 254 -13.10 17.99 11.35
CA CYS B 254 -14.02 17.53 12.39
C CYS B 254 -13.31 17.64 13.74
N ASP B 255 -12.06 17.16 13.84
CA ASP B 255 -11.28 17.26 15.11
C ASP B 255 -9.79 16.96 14.98
N SER B 256 -8.96 17.56 15.84
CA SER B 256 -7.51 17.26 15.93
C SER B 256 -7.30 16.81 17.37
N LYS B 257 -6.96 15.54 17.55
CA LYS B 257 -6.88 15.00 18.91
C LYS B 257 -5.44 14.78 19.39
N ILE B 258 -5.27 14.66 20.70
CA ILE B 258 -3.94 14.34 21.29
C ILE B 258 -4.18 13.06 22.11
N ARG B 259 -3.51 11.96 21.75
CA ARG B 259 -3.71 10.67 22.43
C ARG B 259 -2.69 10.55 23.56
N SER B 260 -2.89 11.30 24.65
CA SER B 260 -1.93 11.38 25.78
C SER B 260 -1.62 10.05 26.47
N LYS B 261 -2.54 9.12 26.49
CA LYS B 261 -2.29 7.89 27.28
C LYS B 261 -1.62 6.81 26.42
N ALA B 262 -1.36 7.09 25.14
CA ALA B 262 -0.79 6.04 24.28
C ALA B 262 0.72 6.01 24.50
N LEU B 263 1.27 4.85 24.84
CA LEU B 263 2.70 4.80 25.21
C LEU B 263 3.56 4.14 24.13
N GLY B 264 4.87 4.17 24.31
CA GLY B 264 5.82 3.54 23.37
C GLY B 264 6.86 4.52 22.88
N SER B 265 6.80 5.76 23.35
CA SER B 265 7.71 6.84 22.89
C SER B 265 7.71 7.99 23.90
N ASP B 266 8.62 8.94 23.74
CA ASP B 266 8.61 10.18 24.56
C ASP B 266 7.56 11.10 23.92
N HIS B 267 7.05 10.70 22.77
CA HIS B 267 5.98 11.46 22.08
C HIS B 267 4.72 10.62 22.09
N CYS B 268 3.57 11.29 22.09
CA CYS B 268 2.26 10.59 22.07
C CYS B 268 1.68 10.73 20.66
N PRO B 269 0.77 9.86 20.22
CA PRO B 269 0.13 10.00 18.92
C PRO B 269 -0.90 11.14 18.81
N ILE B 270 -0.97 11.79 17.67
CA ILE B 270 -2.02 12.81 17.42
C ILE B 270 -2.93 12.26 16.32
N THR B 271 -4.22 12.59 16.34
CA THR B 271 -5.19 12.00 15.37
C THR B 271 -6.10 13.08 14.78
N LEU B 272 -6.31 13.03 13.47
CA LEU B 272 -7.14 14.04 12.79
C LEU B 272 -8.28 13.36 12.06
N TYR B 273 -9.49 13.88 12.26
CA TYR B 273 -10.68 13.38 11.54
C TYR B 273 -11.03 14.45 10.51
N LEU B 274 -11.30 14.02 9.28
CA LEU B 274 -11.65 14.98 8.20
C LEU B 274 -12.88 14.45 7.47
N ALA B 275 -13.76 15.35 6.99
CA ALA B 275 -14.97 14.96 6.24
C ALA B 275 -14.79 15.40 4.79
N LEU B 276 -14.24 14.52 3.97
CA LEU B 276 -13.98 14.87 2.55
C LEU B 276 -14.93 14.07 1.64
#